data_3DG6
#
_entry.id   3DG6
#
_cell.length_a   123.840
_cell.length_b   123.840
_cell.length_c   117.370
_cell.angle_alpha   90.00
_cell.angle_beta   90.00
_cell.angle_gamma   90.00
#
_symmetry.space_group_name_H-M   'I 4 2 2'
#
loop_
_entity.id
_entity.type
_entity.pdbx_description
1 polymer 'Muconate cycloisomerase'
2 non-polymer 'MAGNESIUM ION'
3 non-polymer '[(2S)-5-oxo-2,5-dihydrofuran-2-yl]acetic acid'
4 water water
#
_entity_poly.entity_id   1
_entity_poly.type   'polypeptide(L)'
_entity_poly.pdbx_seq_one_letter_code
;MKIVAIGAIPFSIPYTKPLRFASGEVHAAEHVLVRVHTDDGIVGVAEAPPRPFTYGETQTGIVAVIEQYFAPALIGLTLT
EREVAHTRMARTVGNPTAKAAIDMAMWDALGQSLRLSVSEMLGGYTDRMRVSHMLGFDDPVKMVAEAERIRETYGINTFK
VKVGRRPVQLDTAVVRALRERFGDAIELYVDGNRGWSAAESLRAMREMADLDLLFAEELCPADDVLSRRRLVGQLDMPFI
ADESVPTPADVTREVLGGSATAISIKTARTGFTGSTRVHHLAEGLGLDMVMGNQIDGQIGTACTVSFGTAFERTSRHAGE
LSNFLDMSDDLLTVPLQISDGQLHRRPGPGLGIEIDPDKLAHYRTDN
;
_entity_poly.pdbx_strand_id   A
#
loop_
_chem_comp.id
_chem_comp.type
_chem_comp.name
_chem_comp.formula
MG non-polymer 'MAGNESIUM ION' 'Mg 2'
MUC non-polymer '[(2S)-5-oxo-2,5-dihydrofuran-2-yl]acetic acid' 'C6 H6 O4'
#
# COMPACT_ATOMS: atom_id res chain seq x y z
N MET A 1 16.57 23.00 -9.15
CA MET A 1 15.84 21.88 -8.51
C MET A 1 16.63 21.32 -7.33
N LYS A 2 17.17 22.21 -6.52
CA LYS A 2 17.95 21.81 -5.35
C LYS A 2 17.04 21.78 -4.12
N ILE A 3 17.20 20.77 -3.29
CA ILE A 3 16.41 20.64 -2.07
C ILE A 3 16.94 21.61 -1.03
N VAL A 4 16.07 22.51 -0.55
CA VAL A 4 16.47 23.49 0.44
C VAL A 4 15.95 23.13 1.83
N ALA A 5 14.91 22.32 1.87
CA ALA A 5 14.33 21.90 3.14
C ALA A 5 13.42 20.70 2.98
N ILE A 6 13.29 19.93 4.06
CA ILE A 6 12.43 18.76 4.09
C ILE A 6 11.71 18.79 5.43
N GLY A 7 10.39 18.89 5.38
CA GLY A 7 9.62 18.94 6.61
C GLY A 7 8.78 17.71 6.87
N ALA A 8 8.44 17.49 8.13
CA ALA A 8 7.63 16.35 8.54
C ALA A 8 6.56 16.87 9.51
N ILE A 9 5.33 16.93 9.03
CA ILE A 9 4.22 17.44 9.85
C ILE A 9 3.23 16.35 10.23
N PRO A 10 3.10 16.07 11.53
CA PRO A 10 2.16 15.05 11.98
C PRO A 10 0.73 15.59 11.93
N PHE A 11 -0.21 14.73 11.54
CA PHE A 11 -1.61 15.13 11.48
C PHE A 11 -2.46 13.92 11.83
N SER A 12 -3.71 14.16 12.21
CA SER A 12 -4.60 13.06 12.59
C SER A 12 -6.02 13.31 12.10
N ILE A 13 -6.56 12.32 11.40
CA ILE A 13 -7.92 12.40 10.88
C ILE A 13 -8.68 11.14 11.31
N PRO A 14 -9.79 11.32 12.04
CA PRO A 14 -10.58 10.17 12.50
C PRO A 14 -11.18 9.33 11.38
N TYR A 15 -11.32 8.03 11.63
CA TYR A 15 -11.93 7.14 10.66
C TYR A 15 -13.42 7.13 10.97
N THR A 16 -14.25 7.07 9.93
CA THR A 16 -15.69 7.03 10.13
C THR A 16 -16.00 5.69 10.79
N LYS A 17 -15.29 4.66 10.34
CA LYS A 17 -15.43 3.31 10.88
C LYS A 17 -14.05 2.69 10.85
N PRO A 18 -13.57 2.18 12.00
CA PRO A 18 -12.25 1.57 12.08
C PRO A 18 -12.05 0.33 11.20
N LEU A 19 -10.83 0.16 10.71
CA LEU A 19 -10.50 -0.99 9.89
C LEU A 19 -9.78 -1.97 10.81
N ARG A 20 -10.34 -3.17 10.95
CA ARG A 20 -9.77 -4.19 11.82
C ARG A 20 -9.22 -5.37 11.04
N PHE A 21 -8.11 -5.91 11.52
CA PHE A 21 -7.48 -7.06 10.88
C PHE A 21 -6.69 -7.85 11.92
N ALA A 22 -6.14 -9.00 11.51
CA ALA A 22 -5.43 -9.86 12.45
C ALA A 22 -4.29 -9.23 13.23
N SER A 23 -3.48 -8.39 12.58
CA SER A 23 -2.33 -7.79 13.23
C SER A 23 -2.57 -6.47 13.98
N GLY A 24 -3.75 -5.89 13.83
CA GLY A 24 -4.03 -4.65 14.52
C GLY A 24 -5.28 -3.96 14.02
N GLU A 25 -5.42 -2.69 14.34
CA GLU A 25 -6.58 -1.90 13.93
C GLU A 25 -6.17 -0.46 13.66
N VAL A 26 -6.93 0.23 12.83
CA VAL A 26 -6.67 1.63 12.52
C VAL A 26 -7.96 2.40 12.79
N HIS A 27 -7.92 3.29 13.76
CA HIS A 27 -9.08 4.09 14.15
C HIS A 27 -8.97 5.53 13.67
N ALA A 28 -7.78 5.89 13.21
CA ALA A 28 -7.54 7.24 12.73
C ALA A 28 -6.27 7.24 11.90
N ALA A 29 -6.20 8.18 10.96
CA ALA A 29 -5.03 8.31 10.12
C ALA A 29 -4.07 9.25 10.83
N GLU A 30 -3.22 8.69 11.68
CA GLU A 30 -2.24 9.48 12.42
C GLU A 30 -0.97 9.42 11.59
N HIS A 31 -0.99 10.12 10.47
CA HIS A 31 0.12 10.11 9.54
C HIS A 31 1.06 11.29 9.65
N VAL A 32 2.04 11.31 8.75
CA VAL A 32 3.02 12.39 8.72
C VAL A 32 3.08 12.92 7.30
N LEU A 33 2.83 14.22 7.15
CA LEU A 33 2.90 14.85 5.85
C LEU A 33 4.36 15.24 5.63
N VAL A 34 4.96 14.71 4.57
CA VAL A 34 6.36 15.00 4.26
C VAL A 34 6.44 15.96 3.09
N ARG A 35 7.19 17.03 3.26
CA ARG A 35 7.32 18.02 2.20
C ARG A 35 8.76 18.32 1.82
N VAL A 36 9.03 18.27 0.52
CA VAL A 36 10.36 18.54 0.00
C VAL A 36 10.30 19.89 -0.72
N HIS A 37 11.00 20.88 -0.17
CA HIS A 37 11.03 22.22 -0.73
C HIS A 37 12.26 22.44 -1.61
N THR A 38 12.08 23.02 -2.79
CA THR A 38 13.19 23.27 -3.69
C THR A 38 13.46 24.76 -3.83
N ASP A 39 14.62 25.08 -4.41
CA ASP A 39 15.02 26.47 -4.60
C ASP A 39 14.23 27.14 -5.72
N ASP A 40 13.31 26.40 -6.34
CA ASP A 40 12.48 26.92 -7.41
C ASP A 40 11.12 27.32 -6.84
N GLY A 41 10.95 27.12 -5.53
CA GLY A 41 9.69 27.44 -4.88
C GLY A 41 8.69 26.31 -4.97
N ILE A 42 9.12 25.18 -5.53
CA ILE A 42 8.26 24.01 -5.67
C ILE A 42 8.28 23.18 -4.39
N VAL A 43 7.12 22.64 -4.03
CA VAL A 43 7.01 21.80 -2.85
C VAL A 43 6.40 20.46 -3.23
N GLY A 44 7.16 19.39 -3.03
CA GLY A 44 6.67 18.06 -3.34
C GLY A 44 6.15 17.49 -2.04
N VAL A 45 5.09 16.68 -2.11
CA VAL A 45 4.53 16.11 -0.89
C VAL A 45 4.25 14.61 -0.99
N ALA A 46 4.09 14.01 0.18
CA ALA A 46 3.77 12.59 0.30
C ALA A 46 3.43 12.38 1.76
N GLU A 47 2.92 11.20 2.10
CA GLU A 47 2.59 10.92 3.49
C GLU A 47 3.30 9.64 3.93
N ALA A 48 3.47 9.51 5.24
CA ALA A 48 4.09 8.32 5.81
C ALA A 48 3.13 7.80 6.88
N PRO A 49 2.56 6.62 6.67
CA PRO A 49 1.63 6.04 7.64
C PRO A 49 2.37 5.17 8.65
N PRO A 50 2.36 5.56 9.93
CA PRO A 50 3.06 4.72 10.92
C PRO A 50 2.25 3.46 11.19
N ARG A 51 2.88 2.31 11.01
CA ARG A 51 2.22 1.03 11.22
C ARG A 51 3.11 0.21 12.14
N PRO A 52 3.02 0.45 13.45
CA PRO A 52 3.84 -0.29 14.42
C PRO A 52 3.72 -1.81 14.33
N PHE A 53 2.54 -2.28 13.95
CA PHE A 53 2.27 -3.71 13.83
C PHE A 53 2.71 -4.30 12.49
N THR A 54 3.36 -3.48 11.67
CA THR A 54 3.83 -3.92 10.36
C THR A 54 5.33 -3.63 10.19
N TYR A 55 5.73 -2.40 10.50
CA TYR A 55 7.14 -2.01 10.36
C TYR A 55 7.78 -1.55 11.67
N GLY A 56 6.96 -1.25 12.66
CA GLY A 56 7.48 -0.80 13.94
C GLY A 56 7.65 0.70 14.05
N GLU A 57 7.26 1.44 13.02
CA GLU A 57 7.38 2.89 13.05
C GLU A 57 6.22 3.52 13.82
N THR A 58 6.47 4.69 14.41
CA THR A 58 5.45 5.43 15.13
C THR A 58 5.41 6.81 14.51
N GLN A 59 4.33 7.54 14.75
CA GLN A 59 4.22 8.88 14.20
C GLN A 59 5.37 9.75 14.71
N THR A 60 5.63 9.69 16.01
CA THR A 60 6.71 10.46 16.63
C THR A 60 8.07 10.04 16.05
N GLY A 61 8.25 8.74 15.88
CA GLY A 61 9.50 8.21 15.35
C GLY A 61 9.80 8.63 13.92
N ILE A 62 8.75 8.68 13.09
CA ILE A 62 8.91 9.07 11.69
C ILE A 62 9.35 10.54 11.63
N VAL A 63 8.68 11.39 12.39
CA VAL A 63 9.05 12.81 12.39
C VAL A 63 10.49 12.96 12.87
N ALA A 64 10.84 12.21 13.89
CA ALA A 64 12.19 12.28 14.46
C ALA A 64 13.28 11.85 13.48
N VAL A 65 13.11 10.70 12.83
CA VAL A 65 14.15 10.26 11.90
C VAL A 65 14.29 11.19 10.71
N ILE A 66 13.20 11.78 10.26
CA ILE A 66 13.27 12.71 9.13
C ILE A 66 13.95 14.01 9.54
N GLU A 67 13.53 14.59 10.66
CA GLU A 67 14.11 15.85 11.11
C GLU A 67 15.55 15.73 11.58
N GLN A 68 15.86 14.62 12.25
CA GLN A 68 17.18 14.41 12.81
C GLN A 68 18.23 13.74 11.92
N TYR A 69 17.80 12.91 10.98
CA TYR A 69 18.74 12.20 10.13
C TYR A 69 18.61 12.41 8.62
N PHE A 70 17.43 12.14 8.08
CA PHE A 70 17.25 12.26 6.64
C PHE A 70 17.30 13.68 6.07
N ALA A 71 16.56 14.61 6.67
CA ALA A 71 16.56 15.98 6.17
C ALA A 71 17.98 16.55 6.09
N PRO A 72 18.74 16.50 7.20
CA PRO A 72 20.11 17.02 7.19
C PRO A 72 21.01 16.36 6.14
N ALA A 73 20.79 15.09 5.88
CA ALA A 73 21.59 14.35 4.92
C ALA A 73 21.23 14.59 3.46
N LEU A 74 20.01 15.04 3.20
CA LEU A 74 19.58 15.24 1.82
C LEU A 74 19.54 16.68 1.32
N ILE A 75 19.45 17.65 2.23
CA ILE A 75 19.42 19.04 1.80
C ILE A 75 20.67 19.32 0.99
N GLY A 76 20.51 20.01 -0.14
CA GLY A 76 21.64 20.30 -0.99
C GLY A 76 21.68 19.45 -2.25
N LEU A 77 21.01 18.30 -2.23
CA LEU A 77 20.97 17.45 -3.41
C LEU A 77 19.91 17.98 -4.36
N THR A 78 20.03 17.66 -5.65
CA THR A 78 19.05 18.10 -6.63
C THR A 78 18.04 16.98 -6.81
N LEU A 79 16.94 17.28 -7.48
CA LEU A 79 15.90 16.29 -7.70
C LEU A 79 16.33 15.24 -8.72
N THR A 80 17.51 15.43 -9.31
CA THR A 80 18.03 14.46 -10.27
C THR A 80 19.28 13.74 -9.74
N GLU A 81 19.28 13.56 -8.42
CA GLU A 81 20.34 12.85 -7.73
C GLU A 81 19.64 11.84 -6.83
N ARG A 82 18.59 11.22 -7.35
CA ARG A 82 17.82 10.24 -6.59
C ARG A 82 18.65 9.08 -6.06
N GLU A 83 19.64 8.63 -6.83
CA GLU A 83 20.45 7.53 -6.35
C GLU A 83 21.38 7.94 -5.21
N VAL A 84 21.72 9.22 -5.13
CA VAL A 84 22.56 9.70 -4.04
C VAL A 84 21.67 9.70 -2.79
N ALA A 85 20.45 10.19 -2.93
CA ALA A 85 19.50 10.23 -1.82
C ALA A 85 19.20 8.80 -1.37
N HIS A 86 19.03 7.91 -2.33
CA HIS A 86 18.72 6.51 -2.03
C HIS A 86 19.85 5.88 -1.21
N THR A 87 21.08 6.10 -1.65
CA THR A 87 22.26 5.55 -0.98
C THR A 87 22.46 6.14 0.41
N ARG A 88 22.27 7.46 0.55
CA ARG A 88 22.44 8.10 1.84
C ARG A 88 21.39 7.62 2.84
N MET A 89 20.13 7.54 2.40
CA MET A 89 19.09 7.08 3.31
C MET A 89 19.32 5.62 3.70
N ALA A 90 19.89 4.84 2.79
CA ALA A 90 20.16 3.43 3.04
C ALA A 90 21.15 3.18 4.17
N ARG A 91 21.89 4.23 4.55
CA ARG A 91 22.85 4.12 5.65
C ARG A 91 22.10 3.88 6.95
N THR A 92 20.83 4.27 6.96
CA THR A 92 19.98 4.08 8.13
C THR A 92 19.11 2.86 7.81
N VAL A 93 19.05 1.93 8.75
CA VAL A 93 18.26 0.71 8.58
C VAL A 93 16.78 0.94 8.86
N GLY A 94 15.92 0.18 8.19
CA GLY A 94 14.49 0.30 8.42
C GLY A 94 13.85 1.65 8.10
N ASN A 95 12.92 2.08 8.94
CA ASN A 95 12.19 3.35 8.73
C ASN A 95 11.68 3.41 7.31
N PRO A 96 10.98 2.35 6.87
CA PRO A 96 10.46 2.30 5.50
C PRO A 96 9.54 3.43 5.01
N THR A 97 8.50 3.76 5.76
CA THR A 97 7.61 4.80 5.28
C THR A 97 8.23 6.18 5.31
N ALA A 98 9.15 6.42 6.25
CA ALA A 98 9.83 7.71 6.33
C ALA A 98 10.64 7.91 5.05
N LYS A 99 11.40 6.87 4.68
CA LYS A 99 12.23 6.92 3.47
C LYS A 99 11.37 7.04 2.22
N ALA A 100 10.34 6.21 2.14
CA ALA A 100 9.45 6.20 0.98
C ALA A 100 8.79 7.55 0.76
N ALA A 101 8.33 8.17 1.84
CA ALA A 101 7.66 9.47 1.74
C ALA A 101 8.60 10.53 1.17
N ILE A 102 9.86 10.53 1.62
CA ILE A 102 10.82 11.49 1.10
C ILE A 102 11.03 11.24 -0.39
N ASP A 103 11.20 9.97 -0.77
CA ASP A 103 11.41 9.65 -2.17
C ASP A 103 10.23 10.09 -3.04
N MET A 104 9.02 9.80 -2.59
CA MET A 104 7.84 10.17 -3.38
C MET A 104 7.64 11.68 -3.45
N ALA A 105 7.96 12.38 -2.37
CA ALA A 105 7.83 13.83 -2.36
C ALA A 105 8.86 14.41 -3.33
N MET A 106 10.03 13.78 -3.42
CA MET A 106 11.05 14.24 -4.35
C MET A 106 10.55 14.04 -5.78
N TRP A 107 9.93 12.90 -6.04
CA TRP A 107 9.39 12.63 -7.37
C TRP A 107 8.25 13.60 -7.69
N ASP A 108 7.45 13.94 -6.69
CA ASP A 108 6.34 14.87 -6.89
C ASP A 108 6.93 16.22 -7.30
N ALA A 109 7.95 16.66 -6.58
CA ALA A 109 8.61 17.93 -6.88
C ALA A 109 9.23 17.90 -8.28
N LEU A 110 9.85 16.77 -8.62
CA LEU A 110 10.48 16.63 -9.92
C LEU A 110 9.42 16.76 -11.03
N GLY A 111 8.31 16.04 -10.86
CA GLY A 111 7.24 16.09 -11.84
C GLY A 111 6.71 17.50 -12.03
N GLN A 112 6.53 18.23 -10.93
CA GLN A 112 6.03 19.59 -11.01
C GLN A 112 7.04 20.47 -11.75
N SER A 113 8.32 20.25 -11.47
CA SER A 113 9.38 21.02 -12.10
C SER A 113 9.47 20.77 -13.60
N LEU A 114 9.12 19.56 -14.03
CA LEU A 114 9.19 19.19 -15.44
C LEU A 114 7.84 19.19 -16.16
N ARG A 115 6.77 19.45 -15.42
CA ARG A 115 5.42 19.45 -15.97
C ARG A 115 5.07 18.06 -16.51
N LEU A 116 5.45 17.04 -15.75
CA LEU A 116 5.18 15.65 -16.12
C LEU A 116 4.63 14.91 -14.91
N SER A 117 3.73 13.96 -15.15
CA SER A 117 3.17 13.17 -14.07
C SER A 117 4.19 12.14 -13.64
N VAL A 118 4.11 11.72 -12.37
CA VAL A 118 5.03 10.70 -11.88
C VAL A 118 4.82 9.44 -12.70
N SER A 119 3.55 9.11 -12.98
CA SER A 119 3.23 7.92 -13.76
C SER A 119 3.96 7.87 -15.09
N GLU A 120 3.89 8.94 -15.87
CA GLU A 120 4.55 8.93 -17.17
C GLU A 120 6.07 8.90 -17.05
N MET A 121 6.63 9.59 -16.05
CA MET A 121 8.07 9.59 -15.89
C MET A 121 8.58 8.18 -15.58
N LEU A 122 7.77 7.41 -14.84
CA LEU A 122 8.13 6.05 -14.46
C LEU A 122 7.98 5.02 -15.59
N GLY A 123 7.18 5.34 -16.60
CA GLY A 123 7.00 4.41 -17.70
C GLY A 123 5.75 4.65 -18.53
N GLY A 124 4.73 5.24 -17.90
CA GLY A 124 3.49 5.55 -18.58
C GLY A 124 2.81 4.42 -19.37
N TYR A 125 2.79 3.22 -18.82
CA TYR A 125 2.16 2.11 -19.53
C TYR A 125 0.66 2.33 -19.78
N THR A 126 -0.06 2.78 -18.76
CA THR A 126 -1.49 3.02 -18.91
C THR A 126 -1.92 4.21 -18.06
N ASP A 127 -3.21 4.54 -18.11
CA ASP A 127 -3.70 5.71 -17.38
C ASP A 127 -4.64 5.42 -16.23
N ARG A 128 -4.88 4.15 -15.94
CA ARG A 128 -5.80 3.82 -14.87
C ARG A 128 -5.57 2.40 -14.36
N MET A 129 -6.15 2.10 -13.21
CA MET A 129 -6.06 0.77 -12.62
C MET A 129 -7.43 0.34 -12.13
N ARG A 130 -7.68 -0.96 -12.15
CA ARG A 130 -8.93 -1.48 -11.61
C ARG A 130 -8.70 -1.40 -10.11
N VAL A 131 -9.79 -1.26 -9.37
CA VAL A 131 -9.70 -1.12 -7.92
C VAL A 131 -10.13 -2.34 -7.11
N SER A 132 -9.34 -2.62 -6.07
CA SER A 132 -9.57 -3.72 -5.15
C SER A 132 -9.76 -3.11 -3.76
N HIS A 133 -10.81 -3.52 -3.07
CA HIS A 133 -11.09 -3.00 -1.74
C HIS A 133 -10.83 -4.06 -0.66
N MET A 134 -10.19 -3.64 0.43
CA MET A 134 -9.90 -4.56 1.53
C MET A 134 -11.07 -4.53 2.52
N LEU A 135 -11.67 -5.68 2.77
CA LEU A 135 -12.78 -5.77 3.71
C LEU A 135 -12.28 -6.18 5.08
N GLY A 136 -12.35 -5.26 6.04
CA GLY A 136 -11.88 -5.55 7.39
C GLY A 136 -12.84 -6.41 8.20
N PHE A 137 -12.35 -6.93 9.32
CA PHE A 137 -13.16 -7.77 10.20
C PHE A 137 -14.46 -7.10 10.60
N ASP A 138 -15.49 -7.92 10.80
CA ASP A 138 -16.80 -7.45 11.21
C ASP A 138 -17.74 -8.65 11.15
N ASP A 139 -18.96 -8.47 11.65
CA ASP A 139 -19.94 -9.55 11.62
C ASP A 139 -20.06 -10.02 10.18
N PRO A 140 -20.21 -11.34 9.97
CA PRO A 140 -20.32 -11.92 8.64
C PRO A 140 -21.33 -11.17 7.75
N VAL A 141 -22.55 -10.99 8.25
CA VAL A 141 -23.58 -10.30 7.50
C VAL A 141 -23.18 -8.87 7.17
N LYS A 142 -22.45 -8.23 8.07
CA LYS A 142 -22.01 -6.85 7.87
C LYS A 142 -20.90 -6.72 6.84
N MET A 143 -20.03 -7.73 6.75
CA MET A 143 -18.97 -7.69 5.75
C MET A 143 -19.54 -7.84 4.35
N VAL A 144 -20.54 -8.71 4.19
CA VAL A 144 -21.16 -8.91 2.90
C VAL A 144 -21.91 -7.64 2.50
N ALA A 145 -22.57 -7.02 3.47
CA ALA A 145 -23.31 -5.79 3.22
C ALA A 145 -22.35 -4.69 2.77
N GLU A 146 -21.16 -4.65 3.38
CA GLU A 146 -20.16 -3.65 3.03
C GLU A 146 -19.68 -3.86 1.61
N ALA A 147 -19.46 -5.12 1.23
CA ALA A 147 -19.02 -5.45 -0.11
C ALA A 147 -20.08 -5.04 -1.13
N GLU A 148 -21.34 -5.31 -0.82
CA GLU A 148 -22.43 -4.96 -1.72
C GLU A 148 -22.53 -3.45 -1.89
N ARG A 149 -22.40 -2.72 -0.78
CA ARG A 149 -22.46 -1.26 -0.81
C ARG A 149 -21.35 -0.69 -1.69
N ILE A 150 -20.13 -1.16 -1.46
CA ILE A 150 -18.97 -0.70 -2.21
C ILE A 150 -19.03 -1.04 -3.69
N ARG A 151 -19.51 -2.23 -4.04
CA ARG A 151 -19.60 -2.63 -5.43
C ARG A 151 -20.64 -1.83 -6.20
N GLU A 152 -21.79 -1.60 -5.58
CA GLU A 152 -22.85 -0.85 -6.23
C GLU A 152 -22.54 0.64 -6.33
N THR A 153 -21.93 1.17 -5.29
CA THR A 153 -21.60 2.59 -5.23
C THR A 153 -20.44 3.00 -6.14
N TYR A 154 -19.35 2.23 -6.10
CA TYR A 154 -18.15 2.57 -6.86
C TYR A 154 -17.81 1.67 -8.05
N GLY A 155 -18.56 0.59 -8.24
CA GLY A 155 -18.31 -0.30 -9.35
C GLY A 155 -17.12 -1.22 -9.12
N ILE A 156 -16.64 -1.25 -7.88
CA ILE A 156 -15.49 -2.09 -7.52
C ILE A 156 -15.86 -3.56 -7.63
N ASN A 157 -15.08 -4.31 -8.40
CA ASN A 157 -15.34 -5.73 -8.64
C ASN A 157 -14.30 -6.70 -8.09
N THR A 158 -13.39 -6.20 -7.25
CA THR A 158 -12.36 -7.04 -6.66
C THR A 158 -12.29 -6.76 -5.16
N PHE A 159 -12.29 -7.81 -4.36
CA PHE A 159 -12.23 -7.65 -2.91
C PHE A 159 -11.21 -8.54 -2.26
N LYS A 160 -10.43 -7.97 -1.34
CA LYS A 160 -9.44 -8.74 -0.59
C LYS A 160 -10.04 -8.86 0.80
N VAL A 161 -10.44 -10.07 1.18
CA VAL A 161 -11.05 -10.31 2.47
C VAL A 161 -10.02 -10.50 3.58
N LYS A 162 -10.17 -9.74 4.66
CA LYS A 162 -9.26 -9.87 5.79
C LYS A 162 -9.71 -11.10 6.57
N VAL A 163 -8.78 -12.03 6.79
CA VAL A 163 -9.09 -13.23 7.54
C VAL A 163 -8.02 -13.41 8.62
N GLY A 164 -7.98 -14.58 9.25
CA GLY A 164 -7.00 -14.81 10.29
C GLY A 164 -7.61 -14.86 11.67
N ARG A 165 -8.92 -15.07 11.72
CA ARG A 165 -9.66 -15.16 12.98
C ARG A 165 -9.95 -16.60 13.36
N ARG A 166 -10.38 -16.79 14.60
CA ARG A 166 -10.72 -18.12 15.11
C ARG A 166 -12.14 -18.12 15.66
N PRO A 167 -12.90 -19.19 15.40
CA PRO A 167 -12.45 -20.34 14.61
C PRO A 167 -12.29 -19.98 13.15
N VAL A 168 -11.52 -20.78 12.42
CA VAL A 168 -11.29 -20.53 11.01
C VAL A 168 -12.59 -20.49 10.22
N GLN A 169 -13.57 -21.30 10.61
CA GLN A 169 -14.85 -21.36 9.93
C GLN A 169 -15.55 -20.01 9.85
N LEU A 170 -15.21 -19.10 10.77
CA LEU A 170 -15.81 -17.79 10.78
C LEU A 170 -15.45 -17.07 9.48
N ASP A 171 -14.17 -17.09 9.13
CA ASP A 171 -13.70 -16.45 7.92
C ASP A 171 -14.08 -17.19 6.65
N THR A 172 -13.99 -18.52 6.65
CA THR A 172 -14.33 -19.29 5.46
C THR A 172 -15.81 -19.14 5.13
N ALA A 173 -16.63 -18.91 6.15
CA ALA A 173 -18.06 -18.73 5.96
C ALA A 173 -18.30 -17.38 5.29
N VAL A 174 -17.50 -16.38 5.67
CA VAL A 174 -17.62 -15.05 5.09
C VAL A 174 -17.28 -15.09 3.60
N VAL A 175 -16.16 -15.70 3.27
CA VAL A 175 -15.73 -15.79 1.88
C VAL A 175 -16.74 -16.56 1.04
N ARG A 176 -17.30 -17.63 1.60
CA ARG A 176 -18.29 -18.41 0.87
C ARG A 176 -19.55 -17.58 0.65
N ALA A 177 -19.93 -16.80 1.66
CA ALA A 177 -21.11 -15.95 1.57
C ALA A 177 -20.94 -14.92 0.46
N LEU A 178 -19.73 -14.40 0.32
CA LEU A 178 -19.44 -13.41 -0.70
C LEU A 178 -19.52 -14.04 -2.09
N ARG A 179 -18.94 -15.23 -2.25
CA ARG A 179 -18.97 -15.90 -3.55
C ARG A 179 -20.39 -16.32 -3.94
N GLU A 180 -21.21 -16.66 -2.96
CA GLU A 180 -22.58 -17.05 -3.23
C GLU A 180 -23.42 -15.83 -3.60
N ARG A 181 -23.14 -14.71 -2.94
CA ARG A 181 -23.87 -13.47 -3.18
C ARG A 181 -23.55 -12.80 -4.52
N PHE A 182 -22.30 -12.87 -4.94
CA PHE A 182 -21.89 -12.22 -6.19
C PHE A 182 -21.55 -13.15 -7.36
N GLY A 183 -21.35 -14.43 -7.07
CA GLY A 183 -21.02 -15.36 -8.13
C GLY A 183 -19.64 -15.07 -8.71
N ASP A 184 -19.46 -15.35 -10.00
CA ASP A 184 -18.18 -15.11 -10.66
C ASP A 184 -18.07 -13.69 -11.19
N ALA A 185 -18.96 -12.81 -10.73
CA ALA A 185 -18.95 -11.43 -11.17
C ALA A 185 -17.87 -10.62 -10.44
N ILE A 186 -17.25 -11.23 -9.44
CA ILE A 186 -16.21 -10.54 -8.68
C ILE A 186 -14.97 -11.40 -8.49
N GLU A 187 -13.85 -10.73 -8.26
CA GLU A 187 -12.58 -11.41 -7.98
C GLU A 187 -12.46 -11.42 -6.47
N LEU A 188 -11.97 -12.51 -5.92
CA LEU A 188 -11.80 -12.62 -4.48
C LEU A 188 -10.47 -13.23 -4.10
N TYR A 189 -9.87 -12.69 -3.04
CA TYR A 189 -8.64 -13.24 -2.49
C TYR A 189 -8.62 -12.90 -1.01
N VAL A 190 -7.69 -13.50 -0.27
CA VAL A 190 -7.64 -13.30 1.18
C VAL A 190 -6.28 -12.89 1.74
N ASP A 191 -6.32 -12.17 2.86
CA ASP A 191 -5.12 -11.70 3.54
C ASP A 191 -5.31 -12.02 5.03
N GLY A 192 -4.43 -12.86 5.58
CA GLY A 192 -4.56 -13.23 6.97
C GLY A 192 -3.74 -12.40 7.96
N ASN A 193 -2.89 -11.52 7.44
CA ASN A 193 -2.04 -10.70 8.29
C ASN A 193 -1.37 -11.47 9.42
N ARG A 194 -0.81 -12.64 9.08
CA ARG A 194 -0.09 -13.49 10.02
C ARG A 194 -0.95 -14.09 11.14
N GLY A 195 -2.27 -13.98 10.99
CA GLY A 195 -3.18 -14.45 12.02
C GLY A 195 -3.37 -15.93 12.27
N TRP A 196 -3.24 -16.75 11.24
CA TRP A 196 -3.41 -18.20 11.40
C TRP A 196 -2.08 -18.92 11.44
N SER A 197 -2.11 -20.16 11.93
CA SER A 197 -0.91 -20.98 11.93
C SER A 197 -0.92 -21.53 10.51
N ALA A 198 0.20 -22.10 10.07
CA ALA A 198 0.26 -22.68 8.73
C ALA A 198 -0.75 -23.81 8.57
N ALA A 199 -0.91 -24.61 9.62
CA ALA A 199 -1.85 -25.73 9.60
C ALA A 199 -3.29 -25.24 9.46
N GLU A 200 -3.65 -24.21 10.21
CA GLU A 200 -5.00 -23.66 10.14
C GLU A 200 -5.23 -23.07 8.75
N SER A 201 -4.20 -22.42 8.22
CA SER A 201 -4.28 -21.81 6.90
C SER A 201 -4.60 -22.84 5.82
N LEU A 202 -3.94 -23.99 5.88
CA LEU A 202 -4.19 -25.03 4.88
C LEU A 202 -5.62 -25.53 4.97
N ARG A 203 -6.08 -25.81 6.18
CA ARG A 203 -7.44 -26.28 6.37
C ARG A 203 -8.44 -25.27 5.84
N ALA A 204 -8.17 -23.98 6.08
CA ALA A 204 -9.06 -22.92 5.61
C ALA A 204 -9.11 -22.86 4.09
N MET A 205 -7.93 -22.89 3.45
CA MET A 205 -7.88 -22.83 2.00
C MET A 205 -8.50 -24.07 1.37
N ARG A 206 -8.34 -25.23 2.01
CA ARG A 206 -8.91 -26.46 1.47
C ARG A 206 -10.43 -26.35 1.52
N GLU A 207 -10.97 -25.76 2.58
CA GLU A 207 -12.42 -25.59 2.71
C GLU A 207 -12.94 -24.63 1.65
N MET A 208 -12.10 -23.70 1.24
CA MET A 208 -12.48 -22.71 0.23
C MET A 208 -11.95 -23.06 -1.17
N ALA A 209 -11.56 -24.32 -1.36
CA ALA A 209 -11.00 -24.77 -2.64
C ALA A 209 -11.92 -24.55 -3.84
N ASP A 210 -13.22 -24.50 -3.59
CA ASP A 210 -14.20 -24.33 -4.66
C ASP A 210 -14.63 -22.87 -4.86
N LEU A 211 -14.00 -21.95 -4.14
CA LEU A 211 -14.35 -20.54 -4.23
C LEU A 211 -13.51 -19.70 -5.19
N ASP A 212 -12.60 -20.34 -5.90
CA ASP A 212 -11.74 -19.69 -6.88
C ASP A 212 -11.02 -18.44 -6.38
N LEU A 213 -10.30 -18.58 -5.26
CA LEU A 213 -9.55 -17.46 -4.71
C LEU A 213 -8.32 -17.24 -5.59
N LEU A 214 -8.08 -15.99 -5.97
CA LEU A 214 -6.96 -15.67 -6.84
C LEU A 214 -5.59 -15.68 -6.17
N PHE A 215 -5.55 -15.30 -4.90
CA PHE A 215 -4.32 -15.24 -4.13
C PHE A 215 -4.56 -15.55 -2.67
N ALA A 216 -3.49 -15.91 -1.97
CA ALA A 216 -3.51 -16.16 -0.53
C ALA A 216 -2.42 -15.21 -0.06
N GLU A 217 -2.73 -14.27 0.82
CA GLU A 217 -1.73 -13.32 1.29
C GLU A 217 -1.43 -13.42 2.79
N GLU A 218 -0.15 -13.64 3.11
CA GLU A 218 0.32 -13.71 4.50
C GLU A 218 -0.67 -14.42 5.44
N LEU A 219 -1.12 -15.61 5.09
CA LEU A 219 -2.07 -16.34 5.92
C LEU A 219 -1.50 -16.64 7.30
N CYS A 220 -0.23 -17.01 7.36
CA CYS A 220 0.45 -17.32 8.61
C CYS A 220 1.72 -16.49 8.68
N PRO A 221 2.40 -16.48 9.85
CA PRO A 221 3.63 -15.69 9.97
C PRO A 221 4.75 -16.24 9.09
N ALA A 222 5.45 -15.34 8.40
CA ALA A 222 6.57 -15.78 7.57
C ALA A 222 7.67 -16.27 8.51
N ASP A 223 7.64 -15.79 9.75
CA ASP A 223 8.64 -16.19 10.75
C ASP A 223 8.43 -17.60 11.30
N ASP A 224 7.31 -18.23 10.94
CA ASP A 224 7.07 -19.63 11.31
C ASP A 224 7.68 -20.26 10.07
N VAL A 225 8.96 -19.97 9.88
CA VAL A 225 9.71 -20.36 8.69
C VAL A 225 9.44 -21.68 7.98
N LEU A 226 9.73 -22.82 8.61
CA LEU A 226 9.52 -24.08 7.91
C LEU A 226 8.07 -24.45 7.63
N SER A 227 7.16 -24.19 8.55
CA SER A 227 5.75 -24.52 8.29
C SER A 227 5.20 -23.58 7.21
N ARG A 228 5.70 -22.35 7.18
CA ARG A 228 5.28 -21.37 6.17
C ARG A 228 5.67 -21.89 4.78
N ARG A 229 6.91 -22.36 4.66
CA ARG A 229 7.39 -22.87 3.38
C ARG A 229 6.58 -24.08 2.94
N ARG A 230 6.24 -24.96 3.88
CA ARG A 230 5.47 -26.15 3.54
C ARG A 230 4.10 -25.72 3.01
N LEU A 231 3.47 -24.78 3.70
CA LEU A 231 2.16 -24.28 3.30
C LEU A 231 2.18 -23.69 1.89
N VAL A 232 3.17 -22.83 1.62
CA VAL A 232 3.27 -22.21 0.30
C VAL A 232 3.38 -23.27 -0.79
N GLY A 233 4.10 -24.34 -0.50
CA GLY A 233 4.28 -25.41 -1.48
C GLY A 233 3.03 -26.25 -1.67
N GLN A 234 2.09 -26.16 -0.74
CA GLN A 234 0.85 -26.93 -0.80
C GLN A 234 -0.28 -26.20 -1.53
N LEU A 235 -0.18 -24.89 -1.65
CA LEU A 235 -1.23 -24.11 -2.29
C LEU A 235 -1.09 -23.94 -3.80
N ASP A 236 -2.23 -24.07 -4.50
CA ASP A 236 -2.29 -23.93 -5.95
C ASP A 236 -1.99 -22.51 -6.41
N MET A 237 -2.72 -21.56 -5.83
CA MET A 237 -2.56 -20.16 -6.19
C MET A 237 -1.32 -19.50 -5.63
N PRO A 238 -0.93 -18.35 -6.18
CA PRO A 238 0.26 -17.67 -5.68
C PRO A 238 0.02 -17.20 -4.25
N PHE A 239 1.07 -17.21 -3.45
CA PHE A 239 1.01 -16.80 -2.06
C PHE A 239 1.74 -15.45 -1.99
N ILE A 240 0.98 -14.39 -1.77
CA ILE A 240 1.54 -13.05 -1.70
C ILE A 240 2.22 -12.75 -0.37
N ALA A 241 3.47 -12.32 -0.45
CA ALA A 241 4.22 -11.90 0.73
C ALA A 241 4.02 -10.39 0.74
N ASP A 242 3.81 -9.83 1.93
CA ASP A 242 3.56 -8.41 2.11
C ASP A 242 4.47 -7.83 3.19
N GLU A 243 4.05 -7.90 4.45
CA GLU A 243 4.86 -7.37 5.54
C GLU A 243 6.20 -8.09 5.67
N SER A 244 6.30 -9.29 5.11
CA SER A 244 7.55 -10.05 5.17
C SER A 244 8.57 -9.71 4.08
N VAL A 245 8.19 -8.86 3.12
CA VAL A 245 9.10 -8.46 2.06
C VAL A 245 9.17 -6.94 1.87
N PRO A 246 9.58 -6.22 2.93
CA PRO A 246 9.67 -4.76 2.87
C PRO A 246 10.81 -4.23 2.01
N THR A 247 11.78 -5.10 1.71
CA THR A 247 12.93 -4.69 0.89
C THR A 247 13.24 -5.73 -0.19
N PRO A 248 13.98 -5.32 -1.23
CA PRO A 248 14.32 -6.25 -2.30
C PRO A 248 15.08 -7.47 -1.77
N ALA A 249 15.93 -7.26 -0.77
CA ALA A 249 16.69 -8.38 -0.20
C ALA A 249 15.74 -9.41 0.42
N ASP A 250 14.66 -8.92 1.03
CA ASP A 250 13.69 -9.82 1.63
C ASP A 250 12.96 -10.57 0.53
N VAL A 251 12.69 -9.89 -0.59
CA VAL A 251 12.02 -10.54 -1.70
C VAL A 251 12.88 -11.72 -2.14
N THR A 252 14.18 -11.48 -2.31
CA THR A 252 15.07 -12.55 -2.73
C THR A 252 15.10 -13.71 -1.74
N ARG A 253 15.30 -13.42 -0.46
CA ARG A 253 15.35 -14.48 0.55
C ARG A 253 14.06 -15.27 0.67
N GLU A 254 12.92 -14.58 0.69
CA GLU A 254 11.65 -15.28 0.84
C GLU A 254 11.29 -16.09 -0.41
N VAL A 255 11.53 -15.52 -1.59
CA VAL A 255 11.21 -16.23 -2.82
C VAL A 255 12.11 -17.44 -3.05
N LEU A 256 13.41 -17.26 -2.89
CA LEU A 256 14.32 -18.39 -3.10
C LEU A 256 14.16 -19.43 -2.01
N GLY A 257 13.73 -19.01 -0.82
CA GLY A 257 13.54 -19.93 0.29
C GLY A 257 12.21 -20.67 0.22
N GLY A 258 11.32 -20.20 -0.65
CA GLY A 258 10.02 -20.84 -0.80
C GLY A 258 8.93 -20.38 0.14
N SER A 259 9.11 -19.23 0.78
CA SER A 259 8.08 -18.73 1.70
C SER A 259 7.16 -17.72 1.03
N ALA A 260 7.41 -17.44 -0.25
CA ALA A 260 6.59 -16.50 -1.01
C ALA A 260 6.60 -16.87 -2.48
N THR A 261 5.43 -16.79 -3.13
CA THR A 261 5.35 -17.09 -4.55
C THR A 261 4.72 -15.95 -5.35
N ALA A 262 4.50 -14.82 -4.68
CA ALA A 262 3.96 -13.61 -5.29
C ALA A 262 4.38 -12.45 -4.38
N ILE A 263 4.46 -11.25 -4.95
CA ILE A 263 4.92 -10.10 -4.18
C ILE A 263 4.00 -8.89 -4.15
N SER A 264 3.77 -8.38 -2.95
CA SER A 264 2.95 -7.18 -2.78
C SER A 264 3.88 -6.00 -2.89
N ILE A 265 3.51 -5.01 -3.70
CA ILE A 265 4.33 -3.80 -3.81
C ILE A 265 3.50 -2.68 -3.19
N LYS A 266 4.06 -2.02 -2.18
CA LYS A 266 3.36 -0.91 -1.54
C LYS A 266 4.25 0.31 -1.58
N THR A 267 3.77 1.34 -2.26
CA THR A 267 4.55 2.57 -2.38
C THR A 267 4.78 3.21 -1.01
N ALA A 268 3.93 2.90 -0.04
CA ALA A 268 4.11 3.47 1.29
C ALA A 268 5.44 3.04 1.90
N ARG A 269 5.91 1.83 1.57
CA ARG A 269 7.16 1.35 2.14
C ARG A 269 8.37 1.35 1.19
N THR A 270 8.14 1.36 -0.11
CA THR A 270 9.28 1.39 -1.04
C THR A 270 9.25 2.57 -2.01
N GLY A 271 8.31 3.49 -1.80
CA GLY A 271 8.21 4.69 -2.64
C GLY A 271 8.16 4.41 -4.13
N PHE A 272 8.89 5.19 -4.92
CA PHE A 272 8.92 4.97 -6.36
C PHE A 272 10.28 4.41 -6.79
N THR A 273 11.36 4.96 -6.24
CA THR A 273 12.69 4.47 -6.58
C THR A 273 12.81 3.03 -6.08
N GLY A 274 12.43 2.81 -4.82
CA GLY A 274 12.51 1.47 -4.26
C GLY A 274 11.52 0.52 -4.89
N SER A 275 10.32 1.01 -5.18
CA SER A 275 9.32 0.14 -5.80
C SER A 275 9.74 -0.31 -7.19
N THR A 276 10.48 0.53 -7.91
CA THR A 276 10.96 0.14 -9.24
C THR A 276 11.93 -1.02 -9.05
N ARG A 277 12.73 -0.97 -7.98
CA ARG A 277 13.67 -2.04 -7.69
C ARG A 277 12.94 -3.34 -7.41
N VAL A 278 11.81 -3.26 -6.69
CA VAL A 278 11.03 -4.46 -6.39
C VAL A 278 10.37 -5.00 -7.66
N HIS A 279 9.75 -4.12 -8.43
CA HIS A 279 9.11 -4.53 -9.68
C HIS A 279 10.10 -5.23 -10.60
N HIS A 280 11.26 -4.63 -10.79
CA HIS A 280 12.25 -5.23 -11.69
C HIS A 280 12.77 -6.55 -11.17
N LEU A 281 12.93 -6.67 -9.85
CA LEU A 281 13.40 -7.92 -9.27
C LEU A 281 12.34 -9.00 -9.47
N ALA A 282 11.09 -8.66 -9.15
CA ALA A 282 9.99 -9.62 -9.30
C ALA A 282 9.76 -10.01 -10.76
N GLU A 283 9.87 -9.06 -11.67
CA GLU A 283 9.67 -9.35 -13.09
C GLU A 283 10.82 -10.25 -13.57
N GLY A 284 12.03 -9.93 -13.14
CA GLY A 284 13.19 -10.71 -13.53
C GLY A 284 13.15 -12.13 -13.02
N LEU A 285 12.67 -12.30 -11.79
CA LEU A 285 12.58 -13.63 -11.19
C LEU A 285 11.39 -14.38 -11.78
N GLY A 286 10.39 -13.63 -12.25
CA GLY A 286 9.22 -14.24 -12.85
C GLY A 286 8.09 -14.50 -11.86
N LEU A 287 7.77 -13.50 -11.04
CA LEU A 287 6.73 -13.61 -10.03
C LEU A 287 5.64 -12.56 -10.20
N ASP A 288 4.41 -12.93 -9.86
CA ASP A 288 3.31 -11.98 -9.94
C ASP A 288 3.49 -10.93 -8.85
N MET A 289 2.99 -9.73 -9.12
CA MET A 289 3.07 -8.63 -8.17
C MET A 289 1.76 -7.87 -8.17
N VAL A 290 1.33 -7.42 -7.01
CA VAL A 290 0.08 -6.69 -6.85
C VAL A 290 0.32 -5.42 -6.05
N MET A 291 -0.31 -4.32 -6.47
CA MET A 291 -0.16 -3.06 -5.75
C MET A 291 -1.05 -3.15 -4.51
N GLY A 292 -0.43 -3.11 -3.34
CA GLY A 292 -1.18 -3.22 -2.10
C GLY A 292 -1.53 -1.90 -1.45
N ASN A 293 -2.31 -1.98 -0.37
CA ASN A 293 -2.74 -0.80 0.37
C ASN A 293 -2.20 -0.85 1.79
N GLN A 294 -1.60 0.25 2.24
CA GLN A 294 -1.02 0.35 3.59
C GLN A 294 -2.03 1.07 4.49
N ILE A 295 -3.30 0.95 4.15
CA ILE A 295 -4.38 1.65 4.86
C ILE A 295 -4.03 3.11 4.61
N ASP A 296 -3.79 3.41 3.35
CA ASP A 296 -3.40 4.74 2.88
C ASP A 296 -4.51 5.78 2.87
N GLY A 297 -4.09 7.03 3.01
CA GLY A 297 -5.03 8.13 2.92
C GLY A 297 -5.01 8.44 1.44
N GLN A 298 -5.69 9.50 1.00
CA GLN A 298 -5.70 9.81 -0.42
C GLN A 298 -4.32 10.20 -0.97
N ILE A 299 -3.46 10.75 -0.12
CA ILE A 299 -2.12 11.11 -0.58
C ILE A 299 -1.37 9.84 -0.97
N GLY A 300 -1.43 8.84 -0.10
CA GLY A 300 -0.75 7.58 -0.38
C GLY A 300 -1.37 6.81 -1.52
N THR A 301 -2.68 6.96 -1.71
CA THR A 301 -3.38 6.27 -2.78
C THR A 301 -2.98 6.87 -4.12
N ALA A 302 -2.80 8.19 -4.16
CA ALA A 302 -2.38 8.87 -5.37
C ALA A 302 -1.00 8.35 -5.77
N CYS A 303 -0.20 7.96 -4.77
CA CYS A 303 1.12 7.44 -5.03
C CYS A 303 1.02 6.02 -5.59
N THR A 304 0.16 5.22 -4.98
CA THR A 304 -0.03 3.84 -5.43
C THR A 304 -0.42 3.80 -6.90
N VAL A 305 -1.41 4.60 -7.28
CA VAL A 305 -1.87 4.59 -8.67
C VAL A 305 -0.82 5.19 -9.61
N SER A 306 -0.03 6.14 -9.13
CA SER A 306 1.02 6.73 -9.97
C SER A 306 2.01 5.64 -10.38
N PHE A 307 2.40 4.80 -9.43
CA PHE A 307 3.34 3.73 -9.73
C PHE A 307 2.71 2.56 -10.49
N GLY A 308 1.57 2.10 -10.01
CA GLY A 308 0.88 0.98 -10.63
C GLY A 308 0.53 1.14 -12.10
N THR A 309 0.19 2.36 -12.51
CA THR A 309 -0.16 2.61 -13.90
C THR A 309 1.07 2.70 -14.81
N ALA A 310 2.25 2.86 -14.23
CA ALA A 310 3.46 2.99 -15.01
C ALA A 310 3.95 1.71 -15.69
N PHE A 311 3.59 0.57 -15.11
CA PHE A 311 4.02 -0.73 -15.62
C PHE A 311 2.89 -1.70 -15.94
N GLU A 312 3.15 -2.59 -16.89
CA GLU A 312 2.17 -3.59 -17.29
C GLU A 312 1.96 -4.64 -16.21
N ARG A 313 3.05 -5.11 -15.61
CA ARG A 313 2.95 -6.15 -14.59
C ARG A 313 2.15 -5.76 -13.35
N THR A 314 2.11 -4.48 -13.05
CA THR A 314 1.36 -4.02 -11.90
C THR A 314 -0.08 -3.71 -12.29
N SER A 315 -0.29 -3.18 -13.48
CA SER A 315 -1.64 -2.83 -13.89
C SER A 315 -2.48 -4.00 -14.40
N ARG A 316 -1.87 -5.17 -14.60
CA ARG A 316 -2.65 -6.31 -15.07
C ARG A 316 -3.56 -6.85 -13.95
N HIS A 317 -3.29 -6.41 -12.73
CA HIS A 317 -4.08 -6.82 -11.57
C HIS A 317 -4.75 -5.57 -11.00
N ALA A 318 -5.84 -5.75 -10.27
CA ALA A 318 -6.49 -4.60 -9.65
C ALA A 318 -5.54 -4.12 -8.56
N GLY A 319 -5.58 -2.83 -8.26
CA GLY A 319 -4.74 -2.30 -7.21
C GLY A 319 -5.59 -1.99 -6.00
N GLU A 320 -5.04 -2.18 -4.80
CA GLU A 320 -5.78 -1.90 -3.58
C GLU A 320 -5.74 -0.39 -3.37
N LEU A 321 -6.77 0.27 -3.92
CA LEU A 321 -6.84 1.73 -3.94
C LEU A 321 -8.09 2.38 -3.36
N SER A 322 -8.78 1.73 -2.44
CA SER A 322 -10.02 2.33 -1.95
C SER A 322 -10.26 2.41 -0.45
N ASN A 323 -9.31 1.99 0.37
CA ASN A 323 -9.59 2.06 1.79
C ASN A 323 -9.59 3.46 2.39
N PHE A 324 -9.16 4.45 1.61
CA PHE A 324 -9.17 5.83 2.08
C PHE A 324 -10.62 6.29 2.27
N LEU A 325 -11.56 5.58 1.63
CA LEU A 325 -12.97 5.93 1.72
C LEU A 325 -13.53 5.90 3.14
N ASP A 326 -12.91 5.10 4.00
CA ASP A 326 -13.37 4.99 5.38
C ASP A 326 -12.91 6.13 6.29
N MET A 327 -12.08 7.02 5.75
CA MET A 327 -11.62 8.17 6.52
C MET A 327 -12.73 9.20 6.52
N SER A 328 -12.84 9.96 7.60
CA SER A 328 -13.89 10.97 7.71
C SER A 328 -13.61 12.22 6.89
N ASP A 329 -12.36 12.39 6.47
CA ASP A 329 -11.96 13.56 5.71
C ASP A 329 -10.53 13.30 5.22
N ASP A 330 -9.98 14.21 4.44
CA ASP A 330 -8.60 14.07 3.97
C ASP A 330 -8.01 15.43 3.65
N LEU A 331 -6.75 15.46 3.22
CA LEU A 331 -6.06 16.71 2.96
C LEU A 331 -6.00 17.29 1.55
N LEU A 332 -6.54 16.59 0.56
CA LEU A 332 -6.49 17.10 -0.82
C LEU A 332 -7.50 18.19 -1.14
N THR A 333 -7.13 19.08 -2.05
CA THR A 333 -8.04 20.15 -2.47
C THR A 333 -9.10 19.54 -3.37
N VAL A 334 -8.73 18.44 -4.04
CA VAL A 334 -9.63 17.73 -4.93
C VAL A 334 -9.56 16.24 -4.60
N PRO A 335 -10.60 15.70 -3.96
CA PRO A 335 -10.64 14.28 -3.57
C PRO A 335 -10.54 13.29 -4.72
N LEU A 336 -9.95 12.13 -4.45
CA LEU A 336 -9.82 11.09 -5.46
C LEU A 336 -11.21 10.55 -5.78
N GLN A 337 -11.44 10.24 -7.04
CA GLN A 337 -12.73 9.75 -7.49
C GLN A 337 -12.63 8.34 -8.09
N ILE A 338 -13.37 7.39 -7.53
CA ILE A 338 -13.39 6.03 -8.05
C ILE A 338 -14.71 5.82 -8.76
N SER A 339 -14.66 5.43 -10.03
CA SER A 339 -15.88 5.18 -10.80
C SER A 339 -15.68 3.97 -11.71
N ASP A 340 -16.74 3.20 -11.87
CA ASP A 340 -16.71 2.00 -12.70
C ASP A 340 -15.60 1.06 -12.24
N GLY A 341 -15.36 1.03 -10.93
CA GLY A 341 -14.35 0.15 -10.37
C GLY A 341 -12.93 0.47 -10.79
N GLN A 342 -12.69 1.72 -11.21
CA GLN A 342 -11.36 2.12 -11.64
C GLN A 342 -10.92 3.45 -11.05
N LEU A 343 -9.61 3.66 -10.98
CA LEU A 343 -9.06 4.91 -10.49
C LEU A 343 -8.02 5.33 -11.52
N HIS A 344 -8.18 6.54 -12.05
CA HIS A 344 -7.24 7.06 -13.04
C HIS A 344 -6.08 7.75 -12.35
N ARG A 345 -4.91 7.73 -12.96
CA ARG A 345 -3.79 8.43 -12.35
C ARG A 345 -4.12 9.89 -12.61
N ARG A 346 -3.70 10.77 -11.71
CA ARG A 346 -3.97 12.21 -11.85
C ARG A 346 -3.40 12.80 -13.13
N PRO A 347 -4.15 13.72 -13.75
CA PRO A 347 -3.70 14.36 -14.99
C PRO A 347 -2.64 15.45 -14.79
N GLY A 348 -2.54 15.96 -13.56
CA GLY A 348 -1.57 17.01 -13.28
C GLY A 348 -0.13 16.56 -13.11
N PRO A 349 0.83 17.50 -13.15
CA PRO A 349 2.26 17.19 -13.00
C PRO A 349 2.53 16.59 -11.63
N GLY A 350 3.61 15.83 -11.51
CA GLY A 350 3.93 15.20 -10.24
C GLY A 350 2.83 14.21 -9.90
N LEU A 351 2.41 14.21 -8.64
CA LEU A 351 1.35 13.32 -8.18
C LEU A 351 -0.02 13.84 -8.60
N GLY A 352 -0.05 15.07 -9.09
CA GLY A 352 -1.32 15.66 -9.53
C GLY A 352 -2.25 16.00 -8.37
N ILE A 353 -1.67 16.29 -7.21
CA ILE A 353 -2.47 16.63 -6.04
C ILE A 353 -1.97 17.91 -5.38
N GLU A 354 -2.82 18.49 -4.54
CA GLU A 354 -2.46 19.70 -3.82
C GLU A 354 -3.04 19.60 -2.42
N ILE A 355 -2.27 20.02 -1.43
CA ILE A 355 -2.72 19.97 -0.05
C ILE A 355 -3.58 21.21 0.26
N ASP A 356 -4.76 20.97 0.82
CA ASP A 356 -5.65 22.06 1.19
C ASP A 356 -5.11 22.68 2.47
N PRO A 357 -4.69 23.96 2.41
CA PRO A 357 -4.15 24.66 3.57
C PRO A 357 -5.05 24.62 4.81
N ASP A 358 -6.35 24.78 4.60
CA ASP A 358 -7.30 24.77 5.71
C ASP A 358 -7.42 23.40 6.35
N LYS A 359 -7.34 22.35 5.55
CA LYS A 359 -7.43 20.99 6.06
C LYS A 359 -6.19 20.69 6.90
N LEU A 360 -5.01 21.05 6.38
CA LEU A 360 -3.77 20.80 7.10
C LEU A 360 -3.76 21.55 8.43
N ALA A 361 -4.20 22.79 8.42
CA ALA A 361 -4.23 23.59 9.64
C ALA A 361 -5.13 22.96 10.69
N HIS A 362 -6.25 22.41 10.24
CA HIS A 362 -7.22 21.80 11.15
C HIS A 362 -6.78 20.46 11.73
N TYR A 363 -6.19 19.61 10.90
CA TYR A 363 -5.78 18.29 11.35
C TYR A 363 -4.36 18.09 11.84
N ARG A 364 -3.46 19.04 11.60
CA ARG A 364 -2.09 18.87 12.07
C ARG A 364 -2.08 18.84 13.59
N THR A 365 -1.12 18.11 14.18
CA THR A 365 -1.06 17.98 15.62
C THR A 365 0.27 18.44 16.25
N ASP A 366 1.00 19.29 15.52
CA ASP A 366 2.27 19.80 16.02
C ASP A 366 2.07 21.22 16.53
MG MG B . -1.42 -7.56 3.18
C1 MUC C . -2.39 -5.46 4.09
O1 MUC C . -2.30 -5.61 2.85
O2 MUC C . -1.88 -6.19 4.95
C4 MUC C . -2.70 -4.30 7.14
C5 MUC C . -1.64 -3.83 7.79
C6 MUC C . -1.02 -2.95 7.00
O6 MUC C . -0.16 -2.16 7.40
O3 MUC C . -1.42 -3.04 5.70
C3 MUC C . -2.77 -3.49 5.84
C2 MUC C . -3.27 -4.25 4.57
#